data_8GM3
#
_entry.id   8GM3
#
_cell.length_a   39.438
_cell.length_b   81.080
_cell.length_c   135.577
_cell.angle_alpha   90.00
_cell.angle_beta   90.00
_cell.angle_gamma   90.00
#
_symmetry.space_group_name_H-M   'P 2 21 21'
#
loop_
_entity.id
_entity.type
_entity.pdbx_description
1 polymer Hemophilin
2 non-polymer 'HEME B/C'
3 water water
#
_entity_poly.entity_id   1
_entity_poly.type   'polypeptide(L)'
_entity_poly.pdbx_seq_one_letter_code
;GFDGAISDDSLRQVGESEVWVPFIHSKGNAGIGKTGGKRVDFEGLAGGIFDDERNGVHTSGSKHFQDNFYSFVQVANQDV
WFGEWYEGKKDSEFNNRTVYYVGNDAGTTVPTSGKATYNITGINKFSGANKLSGTFNADFGAKTLDGSINNSNLTVSVDA
TINAATAAFNGTAQAVQNGTTTNGASQGHFFGANAAGLAGIATFTNNSDLDTAFGGEKKELALVPRGSHHHHHH
;
_entity_poly.pdbx_strand_id   A,B
#
loop_
_chem_comp.id
_chem_comp.type
_chem_comp.name
_chem_comp.formula
HEB non-polymer 'HEME B/C' 'C34 H34 Fe N4 O4'
#
# COMPACT_ATOMS: atom_id res chain seq x y z
N GLY A 1 20.33 5.22 7.59
CA GLY A 1 18.89 5.11 7.53
C GLY A 1 18.40 3.70 7.78
N PHE A 2 17.11 3.55 8.07
CA PHE A 2 16.50 2.24 8.26
C PHE A 2 15.30 2.13 7.34
N ASP A 3 15.27 1.05 6.57
CA ASP A 3 14.17 0.72 5.67
C ASP A 3 13.39 -0.45 6.21
N GLY A 4 12.07 -0.38 6.13
CA GLY A 4 11.28 -1.54 6.52
C GLY A 4 9.80 -1.30 6.32
N ALA A 5 9.03 -2.33 6.65
CA ALA A 5 7.58 -2.29 6.48
C ALA A 5 6.97 -3.40 7.33
N ILE A 6 5.67 -3.25 7.62
CA ILE A 6 4.93 -4.23 8.41
C ILE A 6 3.52 -4.31 7.87
N SER A 7 2.96 -5.51 7.85
CA SER A 7 1.69 -5.71 7.17
C SER A 7 0.54 -5.13 7.96
N ASP A 8 0.66 -5.07 9.29
CA ASP A 8 -0.40 -4.58 10.17
C ASP A 8 0.34 -3.91 11.33
N ASP A 9 0.18 -2.60 11.48
CA ASP A 9 0.89 -1.88 12.53
C ASP A 9 0.01 -1.54 13.71
N SER A 10 -1.12 -2.24 13.88
CA SER A 10 -2.03 -1.97 14.99
C SER A 10 -1.36 -2.22 16.33
N LEU A 11 -0.57 -3.30 16.42
CA LEU A 11 0.03 -3.73 17.68
C LEU A 11 1.55 -3.64 17.69
N ARG A 12 2.19 -3.88 16.56
CA ARG A 12 3.64 -3.77 16.46
C ARG A 12 3.98 -2.85 15.30
N GLN A 13 5.23 -2.36 15.30
CA GLN A 13 5.71 -1.41 14.32
C GLN A 13 7.24 -1.45 14.34
N VAL A 14 7.87 -1.10 13.21
CA VAL A 14 9.29 -1.33 13.05
C VAL A 14 10.01 -0.02 12.74
N GLY A 15 11.32 -0.05 12.94
CA GLY A 15 12.17 1.09 12.66
C GLY A 15 13.41 1.02 13.53
N GLU A 16 14.11 2.14 13.61
CA GLU A 16 15.33 2.18 14.41
C GLU A 16 15.00 1.98 15.89
N SER A 17 15.82 1.17 16.55
CA SER A 17 15.56 0.83 17.94
C SER A 17 15.80 2.04 18.84
N GLU A 18 15.06 2.09 19.94
CA GLU A 18 14.94 3.30 20.73
C GLU A 18 15.19 3.08 22.21
N VAL A 19 15.39 1.84 22.65
CA VAL A 19 15.50 1.51 24.06
C VAL A 19 16.95 1.15 24.35
N TRP A 20 17.52 1.77 25.38
CA TRP A 20 18.85 1.39 25.86
C TRP A 20 18.70 0.75 27.23
N VAL A 21 19.01 -0.53 27.32
CA VAL A 21 19.08 -1.23 28.60
C VAL A 21 20.39 -2.02 28.59
N PRO A 22 21.37 -1.64 29.40
CA PRO A 22 22.69 -2.26 29.29
C PRO A 22 22.61 -3.77 29.18
N PHE A 23 23.25 -4.30 28.14
CA PHE A 23 23.51 -5.72 27.92
C PHE A 23 22.33 -6.45 27.28
N ILE A 24 21.27 -5.75 26.87
CA ILE A 24 20.11 -6.41 26.28
C ILE A 24 19.53 -5.59 25.14
N HIS A 25 19.13 -4.35 25.43
CA HIS A 25 18.54 -3.45 24.46
C HIS A 25 19.51 -2.33 24.12
N SER A 26 19.72 -2.10 22.81
CA SER A 26 20.63 -1.08 22.31
C SER A 26 19.92 -0.23 21.27
N LYS A 27 20.09 1.10 21.35
CA LYS A 27 19.55 2.03 20.36
C LYS A 27 20.33 1.96 19.03
N GLY A 28 19.67 2.42 17.97
CA GLY A 28 20.33 2.61 16.70
C GLY A 28 20.43 1.40 15.80
N ASN A 29 19.74 0.31 16.13
CA ASN A 29 19.78 -0.92 15.34
C ASN A 29 18.42 -1.19 14.74
N ALA A 30 18.35 -2.14 13.82
CA ALA A 30 17.05 -2.50 13.24
C ALA A 30 16.16 -3.11 14.32
N GLY A 31 14.92 -2.61 14.41
CA GLY A 31 14.14 -2.88 15.61
C GLY A 31 12.64 -2.99 15.39
N ILE A 32 11.96 -3.33 16.48
CA ILE A 32 10.52 -3.55 16.48
C ILE A 32 9.99 -3.24 17.86
N GLY A 33 8.73 -2.85 17.95
CA GLY A 33 8.19 -2.52 19.27
C GLY A 33 6.69 -2.34 19.25
N LYS A 34 6.13 -2.26 20.45
CA LYS A 34 4.70 -2.06 20.61
C LYS A 34 4.28 -0.76 19.94
N THR A 35 3.18 -0.80 19.20
CA THR A 35 2.57 0.43 18.74
C THR A 35 2.17 1.28 19.94
N GLY A 36 2.60 2.54 19.94
CA GLY A 36 2.47 3.38 21.10
C GLY A 36 3.61 3.26 22.09
N GLY A 37 4.59 2.40 21.81
CA GLY A 37 5.71 2.21 22.71
C GLY A 37 7.04 2.43 22.03
N LYS A 38 8.13 1.93 22.61
CA LYS A 38 9.45 2.13 22.05
C LYS A 38 9.98 0.83 21.45
N ARG A 39 10.80 0.97 20.41
CA ARG A 39 11.33 -0.17 19.67
C ARG A 39 12.61 -0.69 20.29
N VAL A 40 12.74 -2.01 20.34
CA VAL A 40 13.98 -2.67 20.76
C VAL A 40 14.60 -3.32 19.53
N ASP A 41 15.88 -3.67 19.65
CA ASP A 41 16.62 -4.18 18.51
C ASP A 41 16.62 -5.70 18.45
N PHE A 42 16.47 -6.22 17.23
CA PHE A 42 16.58 -7.66 16.97
C PHE A 42 17.94 -8.20 17.36
N GLU A 43 19.00 -7.41 17.17
CA GLU A 43 20.35 -7.87 17.51
C GLU A 43 20.41 -8.40 18.94
N GLY A 44 19.73 -7.71 19.86
CA GLY A 44 19.69 -8.16 21.25
C GLY A 44 18.76 -9.32 21.52
N LEU A 45 17.73 -9.52 20.68
CA LEU A 45 16.83 -10.65 20.84
C LEU A 45 17.46 -11.95 20.34
N ALA A 46 18.20 -11.89 19.23
CA ALA A 46 18.78 -13.09 18.66
C ALA A 46 19.83 -13.67 19.60
N GLY A 47 19.68 -14.94 19.95
CA GLY A 47 20.61 -15.58 20.85
C GLY A 47 20.44 -15.22 22.30
N GLY A 48 19.42 -14.44 22.65
CA GLY A 48 19.16 -14.08 24.03
C GLY A 48 18.48 -15.19 24.81
N ILE A 49 18.24 -14.90 26.09
CA ILE A 49 17.73 -15.93 26.98
C ILE A 49 16.32 -16.37 26.60
N PHE A 50 15.55 -15.53 25.91
CA PHE A 50 14.23 -15.90 25.45
C PHE A 50 14.22 -16.41 24.01
N ASP A 51 15.39 -16.61 23.41
CA ASP A 51 15.48 -16.98 22.00
C ASP A 51 15.52 -18.51 21.87
N ASP A 52 14.69 -19.02 20.97
CA ASP A 52 14.58 -20.44 20.66
C ASP A 52 14.91 -20.61 19.18
N GLU A 53 16.10 -21.17 18.88
CA GLU A 53 16.66 -21.15 17.53
C GLU A 53 16.45 -22.48 16.84
N ARG A 54 15.84 -22.43 15.65
CA ARG A 54 15.42 -23.63 14.92
C ARG A 54 15.63 -23.40 13.44
N ASN A 55 16.46 -24.24 12.82
CA ASN A 55 16.60 -24.25 11.36
C ASN A 55 16.86 -22.86 10.79
N GLY A 56 17.74 -22.11 11.46
CA GLY A 56 18.15 -20.80 10.99
C GLY A 56 17.23 -19.66 11.37
N VAL A 57 16.18 -19.94 12.14
CA VAL A 57 15.17 -18.94 12.51
C VAL A 57 15.25 -18.69 14.01
N HIS A 58 15.02 -17.46 14.42
CA HIS A 58 14.92 -17.11 15.82
C HIS A 58 13.46 -17.03 16.19
N THR A 59 13.09 -17.64 17.32
CA THR A 59 11.77 -17.41 17.89
C THR A 59 11.95 -16.91 19.31
N SER A 60 11.60 -15.66 19.56
CA SER A 60 11.83 -15.08 20.87
C SER A 60 10.52 -14.63 21.49
N GLY A 61 10.37 -14.94 22.78
CA GLY A 61 9.34 -14.35 23.59
C GLY A 61 9.79 -12.99 24.11
N SER A 62 8.94 -12.39 24.93
CA SER A 62 9.22 -11.12 25.60
C SER A 62 9.42 -11.35 27.09
N LYS A 63 10.43 -10.70 27.68
CA LYS A 63 10.54 -10.69 29.13
C LYS A 63 9.27 -10.14 29.77
N HIS A 64 8.60 -9.23 29.07
CA HIS A 64 7.63 -8.35 29.72
C HIS A 64 6.23 -8.91 29.74
N PHE A 65 5.82 -9.59 28.68
CA PHE A 65 4.47 -10.13 28.59
C PHE A 65 4.58 -11.54 28.02
N GLN A 66 3.88 -12.48 28.64
CA GLN A 66 3.91 -13.86 28.19
C GLN A 66 3.00 -14.02 26.96
N ASP A 67 3.13 -15.17 26.31
CA ASP A 67 2.18 -15.65 25.29
C ASP A 67 2.11 -14.75 24.06
N ASN A 68 3.26 -14.20 23.64
CA ASN A 68 3.39 -13.63 22.30
C ASN A 68 4.83 -13.82 21.87
N PHE A 69 5.05 -13.96 20.57
CA PHE A 69 6.37 -14.37 20.09
C PHE A 69 6.71 -13.71 18.77
N TYR A 70 8.02 -13.56 18.55
CA TYR A 70 8.60 -13.12 17.30
C TYR A 70 9.40 -14.26 16.71
N SER A 71 9.14 -14.58 15.45
CA SER A 71 9.99 -15.50 14.70
C SER A 71 10.61 -14.69 13.58
N PHE A 72 11.94 -14.65 13.52
CA PHE A 72 12.59 -13.78 12.56
C PHE A 72 13.91 -14.39 12.12
N VAL A 73 14.40 -13.85 11.01
CA VAL A 73 15.58 -14.37 10.33
C VAL A 73 16.48 -13.21 9.96
N GLN A 74 17.78 -13.37 10.17
CA GLN A 74 18.76 -12.38 9.79
C GLN A 74 19.21 -12.61 8.35
N VAL A 75 19.39 -11.53 7.61
CA VAL A 75 19.92 -11.59 6.24
C VAL A 75 21.43 -11.54 6.31
N ALA A 76 22.09 -12.63 5.91
CA ALA A 76 23.53 -12.71 6.03
C ALA A 76 23.94 -12.36 7.46
N ASN A 77 24.97 -11.54 7.56
CA ASN A 77 25.42 -11.01 8.83
C ASN A 77 25.09 -9.52 8.96
N GLN A 78 24.21 -9.01 8.10
CA GLN A 78 23.85 -7.61 8.14
C GLN A 78 22.84 -7.36 9.27
N ASP A 79 22.65 -6.08 9.59
CA ASP A 79 21.61 -5.72 10.55
C ASP A 79 20.29 -5.57 9.80
N VAL A 80 19.82 -6.70 9.29
CA VAL A 80 18.67 -6.78 8.38
C VAL A 80 17.87 -8.02 8.74
N TRP A 81 16.57 -7.86 8.95
CA TRP A 81 15.76 -8.91 9.56
C TRP A 81 14.38 -8.94 8.92
N PHE A 82 13.79 -10.13 8.88
CA PHE A 82 12.40 -10.29 8.48
C PHE A 82 11.77 -11.38 9.34
N GLY A 83 10.47 -11.26 9.58
CA GLY A 83 9.81 -12.24 10.40
C GLY A 83 8.37 -11.86 10.65
N GLU A 84 7.80 -12.44 11.70
CA GLU A 84 6.41 -12.24 12.05
C GLU A 84 6.34 -12.09 13.57
N TRP A 85 5.21 -11.57 14.04
CA TRP A 85 4.88 -11.56 15.45
C TRP A 85 3.43 -12.00 15.59
N TYR A 86 3.11 -12.64 16.72
CA TYR A 86 1.73 -13.05 16.96
C TYR A 86 1.52 -13.20 18.46
N GLU A 87 0.24 -13.26 18.85
CA GLU A 87 -0.20 -13.55 20.21
C GLU A 87 -0.77 -14.96 20.28
N GLY A 88 -0.49 -15.66 21.36
CA GLY A 88 -1.10 -16.95 21.55
C GLY A 88 -0.12 -17.92 22.19
N LYS A 89 -0.43 -19.21 22.02
CA LYS A 89 0.28 -20.22 22.81
C LYS A 89 1.70 -20.42 22.32
N LYS A 90 1.90 -20.49 21.00
CA LYS A 90 3.22 -20.52 20.37
C LYS A 90 3.39 -21.83 19.61
N ASP A 91 3.76 -21.71 18.34
CA ASP A 91 3.70 -22.78 17.36
C ASP A 91 2.25 -23.21 17.13
N SER A 92 1.32 -22.60 17.86
CA SER A 92 -0.01 -23.17 18.02
C SER A 92 -1.11 -22.27 17.46
N GLU A 93 -1.40 -21.14 18.11
CA GLU A 93 -2.45 -20.24 17.66
C GLU A 93 -1.84 -18.89 17.37
N PHE A 94 -1.95 -18.45 16.12
CA PHE A 94 -1.27 -17.26 15.64
C PHE A 94 -2.29 -16.12 15.54
N ASN A 95 -2.62 -15.55 16.70
CA ASN A 95 -3.58 -14.44 16.79
C ASN A 95 -2.90 -13.11 16.47
N ASN A 96 -3.63 -12.24 15.78
CA ASN A 96 -3.15 -10.89 15.43
C ASN A 96 -1.79 -10.94 14.75
N ARG A 97 -1.58 -11.95 13.90
CA ARG A 97 -0.27 -12.14 13.27
C ARG A 97 0.03 -11.00 12.31
N THR A 98 1.31 -10.62 12.23
CA THR A 98 1.75 -9.54 11.38
C THR A 98 3.16 -9.87 10.90
N VAL A 99 3.50 -9.46 9.68
CA VAL A 99 4.79 -9.80 9.09
C VAL A 99 5.54 -8.50 8.73
N TYR A 100 6.86 -8.57 8.81
CA TYR A 100 7.65 -7.35 8.73
C TYR A 100 9.04 -7.64 8.18
N TYR A 101 9.71 -6.58 7.76
CA TYR A 101 11.15 -6.59 7.59
C TYR A 101 11.66 -5.22 8.00
N VAL A 102 12.91 -5.15 8.43
CA VAL A 102 13.55 -3.87 8.74
C VAL A 102 15.06 -4.07 8.75
N GLY A 103 15.78 -3.11 8.19
CA GLY A 103 17.23 -3.22 8.09
C GLY A 103 17.91 -1.86 8.08
N ASN A 104 19.17 -1.86 8.52
CA ASN A 104 20.04 -0.71 8.29
C ASN A 104 20.48 -0.71 6.83
N ASP A 105 20.21 0.38 6.11
CA ASP A 105 20.58 0.47 4.71
C ASP A 105 21.97 1.07 4.49
N ALA A 106 22.77 1.21 5.55
CA ALA A 106 24.12 1.76 5.39
C ALA A 106 24.91 0.99 4.33
N GLY A 107 25.48 1.74 3.39
CA GLY A 107 26.33 1.18 2.37
C GLY A 107 25.62 0.49 1.22
N THR A 108 24.29 0.53 1.18
CA THR A 108 23.59 -0.16 0.10
C THR A 108 23.86 0.54 -1.23
N THR A 109 24.26 -0.24 -2.22
CA THR A 109 24.30 0.18 -3.62
C THR A 109 23.59 -0.88 -4.44
N VAL A 110 23.04 -0.48 -5.58
CA VAL A 110 22.26 -1.36 -6.43
C VAL A 110 22.93 -1.42 -7.80
N PRO A 111 23.23 -2.60 -8.33
CA PRO A 111 23.81 -2.68 -9.68
C PRO A 111 22.86 -2.11 -10.72
N THR A 112 23.43 -1.61 -11.81
CA THR A 112 22.69 -1.15 -12.98
C THR A 112 22.65 -2.18 -14.10
N SER A 113 23.31 -3.33 -13.91
CA SER A 113 23.23 -4.52 -14.76
C SER A 113 23.89 -5.62 -13.93
N GLY A 114 23.86 -6.87 -14.40
CA GLY A 114 22.85 -7.45 -15.25
C GLY A 114 21.96 -8.33 -14.36
N LYS A 115 22.40 -9.54 -13.98
CA LYS A 115 21.54 -10.53 -13.30
C LYS A 115 22.19 -11.12 -12.05
N ALA A 116 21.34 -11.49 -11.08
CA ALA A 116 21.78 -12.19 -9.88
C ALA A 116 20.63 -13.03 -9.32
N THR A 117 21.00 -14.10 -8.62
CA THR A 117 20.07 -15.00 -7.94
C THR A 117 20.28 -14.89 -6.44
N TYR A 118 19.19 -15.04 -5.68
CA TYR A 118 19.23 -14.95 -4.23
C TYR A 118 18.69 -16.23 -3.61
N ASN A 119 19.36 -16.69 -2.55
CA ASN A 119 18.78 -17.72 -1.69
C ASN A 119 17.78 -17.06 -0.75
N ILE A 120 16.51 -17.46 -0.82
CA ILE A 120 15.45 -16.79 -0.07
C ILE A 120 14.79 -17.79 0.87
N THR A 121 14.52 -17.34 2.10
CA THR A 121 13.64 -18.09 2.98
C THR A 121 12.49 -17.19 3.41
N GLY A 122 11.42 -17.82 3.89
CA GLY A 122 10.21 -17.09 4.22
C GLY A 122 9.62 -17.59 5.53
N ILE A 123 8.81 -16.73 6.12
CA ILE A 123 8.20 -16.96 7.43
C ILE A 123 6.70 -16.77 7.31
N ASN A 124 5.92 -17.83 7.60
CA ASN A 124 4.46 -17.76 7.66
C ASN A 124 4.00 -18.77 8.71
N LYS A 125 3.49 -18.29 9.83
CA LYS A 125 3.09 -19.16 10.94
C LYS A 125 4.16 -20.22 11.20
N PHE A 126 5.39 -19.75 11.37
CA PHE A 126 6.52 -20.66 11.57
C PHE A 126 6.39 -21.43 12.89
N SER A 127 6.63 -22.73 12.83
CA SER A 127 6.49 -23.58 14.01
C SER A 127 7.68 -24.52 14.20
N GLY A 128 8.77 -24.30 13.49
CA GLY A 128 9.95 -25.11 13.65
C GLY A 128 10.44 -25.75 12.37
N ALA A 129 9.54 -26.43 11.65
CA ALA A 129 9.95 -27.21 10.48
C ALA A 129 9.37 -26.69 9.18
N ASN A 130 8.66 -25.56 9.19
CA ASN A 130 7.85 -25.13 8.06
C ASN A 130 8.33 -23.80 7.45
N LYS A 131 9.62 -23.48 7.54
CA LYS A 131 10.06 -22.27 6.89
C LYS A 131 9.94 -22.43 5.38
N LEU A 132 9.71 -21.32 4.69
CA LEU A 132 9.65 -21.34 3.24
C LEU A 132 11.05 -21.15 2.69
N SER A 133 11.27 -21.66 1.47
CA SER A 133 12.60 -21.63 0.88
C SER A 133 12.52 -21.71 -0.64
N GLY A 134 13.47 -21.05 -1.30
CA GLY A 134 13.46 -20.95 -2.75
C GLY A 134 14.42 -19.88 -3.22
N THR A 135 14.24 -19.45 -4.47
CA THR A 135 15.17 -18.55 -5.13
C THR A 135 14.44 -17.40 -5.82
N PHE A 136 15.01 -16.20 -5.72
CA PHE A 136 14.59 -15.02 -6.46
C PHE A 136 15.61 -14.69 -7.53
N ASN A 137 15.13 -14.23 -8.67
CA ASN A 137 15.96 -13.82 -9.80
C ASN A 137 15.86 -12.32 -9.95
N ALA A 138 16.99 -11.63 -9.87
CA ALA A 138 17.04 -10.19 -10.07
C ALA A 138 17.70 -9.89 -11.41
N ASP A 139 17.11 -8.96 -12.16
CA ASP A 139 17.68 -8.48 -13.42
C ASP A 139 17.85 -6.98 -13.23
N PHE A 140 19.08 -6.55 -12.98
CA PHE A 140 19.28 -5.16 -12.62
C PHE A 140 19.25 -4.23 -13.82
N GLY A 141 19.47 -4.76 -15.02
CA GLY A 141 19.27 -3.96 -16.22
C GLY A 141 17.80 -3.73 -16.53
N ALA A 142 16.99 -4.80 -16.45
CA ALA A 142 15.54 -4.68 -16.64
C ALA A 142 14.83 -4.16 -15.39
N LYS A 143 15.50 -4.17 -14.24
CA LYS A 143 14.93 -3.68 -12.98
C LYS A 143 13.72 -4.51 -12.56
N THR A 144 13.91 -5.83 -12.58
CA THR A 144 12.88 -6.78 -12.19
C THR A 144 13.41 -7.69 -11.09
N LEU A 145 12.49 -8.14 -10.23
CA LEU A 145 12.76 -9.17 -9.24
C LEU A 145 11.58 -10.13 -9.26
N ASP A 146 11.84 -11.42 -9.46
CA ASP A 146 10.76 -12.40 -9.46
C ASP A 146 11.29 -13.72 -8.94
N GLY A 147 10.40 -14.49 -8.34
CA GLY A 147 10.78 -15.79 -7.83
C GLY A 147 9.69 -16.33 -6.93
N SER A 148 9.95 -17.53 -6.42
CA SER A 148 9.00 -18.10 -5.47
C SER A 148 9.74 -18.87 -4.40
N ILE A 149 9.04 -19.05 -3.27
CA ILE A 149 9.52 -19.83 -2.14
C ILE A 149 8.36 -20.71 -1.68
N ASN A 150 8.67 -21.78 -0.96
CA ASN A 150 7.59 -22.66 -0.56
C ASN A 150 7.98 -23.49 0.65
N ASN A 151 6.96 -23.88 1.41
CA ASN A 151 7.08 -25.01 2.30
C ASN A 151 6.18 -26.14 1.76
N SER A 152 5.85 -27.10 2.61
CA SER A 152 5.05 -28.22 2.15
C SER A 152 3.60 -27.82 1.90
N ASN A 153 3.14 -26.72 2.49
CA ASN A 153 1.76 -26.29 2.36
C ASN A 153 1.57 -25.06 1.50
N LEU A 154 2.52 -24.13 1.49
CA LEU A 154 2.32 -22.79 0.97
C LEU A 154 3.37 -22.46 -0.06
N THR A 155 2.97 -21.81 -1.15
CA THR A 155 3.89 -21.25 -2.11
C THR A 155 3.59 -19.77 -2.28
N VAL A 156 4.62 -18.94 -2.13
CA VAL A 156 4.51 -17.51 -2.36
C VAL A 156 5.46 -17.14 -3.48
N SER A 157 4.96 -16.41 -4.48
CA SER A 157 5.80 -15.91 -5.54
C SER A 157 5.65 -14.39 -5.62
N VAL A 158 6.70 -13.72 -6.08
CA VAL A 158 6.70 -12.26 -6.20
C VAL A 158 7.05 -11.89 -7.63
N ASP A 159 6.52 -10.75 -8.05
CA ASP A 159 6.86 -10.14 -9.34
C ASP A 159 6.93 -8.63 -9.11
N ALA A 160 8.15 -8.09 -9.00
CA ALA A 160 8.33 -6.71 -8.56
C ALA A 160 9.25 -5.95 -9.51
N THR A 161 9.18 -4.62 -9.45
CA THR A 161 10.11 -3.76 -10.18
C THR A 161 11.02 -3.04 -9.20
N ILE A 162 12.23 -2.71 -9.65
CA ILE A 162 13.28 -2.20 -8.77
C ILE A 162 13.46 -0.69 -8.98
N ASN A 163 13.49 0.06 -7.87
CA ASN A 163 13.87 1.47 -7.87
C ASN A 163 15.33 1.51 -7.41
N ALA A 164 16.23 1.71 -8.37
CA ALA A 164 17.65 1.56 -8.08
C ALA A 164 18.17 2.65 -7.14
N ALA A 165 17.56 3.83 -7.18
CA ALA A 165 18.05 4.92 -6.35
C ALA A 165 17.69 4.72 -4.88
N THR A 166 16.51 4.19 -4.60
CA THR A 166 16.10 3.94 -3.22
C THR A 166 16.38 2.51 -2.79
N ALA A 167 16.73 1.63 -3.73
CA ALA A 167 16.94 0.21 -3.49
C ALA A 167 15.64 -0.51 -3.15
N ALA A 168 14.49 0.13 -3.37
CA ALA A 168 13.22 -0.52 -3.09
C ALA A 168 12.80 -1.43 -4.24
N PHE A 169 11.95 -2.41 -3.91
CA PHE A 169 11.24 -3.12 -4.96
C PHE A 169 9.78 -3.23 -4.56
N ASN A 170 8.91 -3.21 -5.57
CA ASN A 170 7.48 -3.10 -5.37
C ASN A 170 6.77 -3.79 -6.52
N GLY A 171 5.71 -4.55 -6.21
CA GLY A 171 5.02 -5.26 -7.26
C GLY A 171 3.89 -6.11 -6.72
N THR A 172 3.61 -7.21 -7.39
CA THR A 172 2.53 -8.11 -7.01
C THR A 172 3.12 -9.33 -6.29
N ALA A 173 2.22 -10.22 -5.90
CA ALA A 173 2.59 -11.48 -5.30
C ALA A 173 1.43 -12.45 -5.48
N GLN A 174 1.74 -13.73 -5.33
CA GLN A 174 0.74 -14.78 -5.47
C GLN A 174 1.02 -15.85 -4.42
N ALA A 175 -0.04 -16.34 -3.79
CA ALA A 175 0.05 -17.42 -2.83
C ALA A 175 -0.82 -18.57 -3.32
N VAL A 176 -0.33 -19.81 -3.14
CA VAL A 176 -1.05 -21.00 -3.60
C VAL A 176 -1.64 -21.80 -2.44
N GLN A 177 -0.80 -22.26 -1.51
CA GLN A 177 -1.28 -23.01 -0.35
C GLN A 177 -2.77 -22.85 -0.06
N ASN A 178 -3.62 -23.75 -0.57
CA ASN A 178 -3.19 -24.96 -1.27
C ASN A 178 -4.28 -25.51 -2.18
N GLY A 179 -4.09 -25.42 -3.48
CA GLY A 179 -5.11 -25.67 -4.45
C GLY A 179 -5.76 -24.41 -4.97
N THR A 180 -5.84 -23.39 -4.13
CA THR A 180 -6.44 -22.11 -4.48
C THR A 180 -5.39 -21.01 -4.54
N THR A 181 -5.60 -20.07 -5.44
CA THR A 181 -4.65 -18.99 -5.70
C THR A 181 -5.21 -17.66 -5.21
N THR A 182 -4.35 -16.86 -4.60
CA THR A 182 -4.72 -15.54 -4.12
C THR A 182 -3.68 -14.52 -4.58
N ASN A 183 -4.15 -13.45 -5.21
CA ASN A 183 -3.25 -12.40 -5.68
C ASN A 183 -3.04 -11.36 -4.59
N GLY A 184 -1.83 -10.81 -4.54
CA GLY A 184 -1.49 -9.88 -3.48
C GLY A 184 -0.41 -8.91 -3.88
N ALA A 185 0.26 -8.32 -2.89
CA ALA A 185 1.28 -7.29 -3.09
C ALA A 185 2.62 -7.75 -2.55
N SER A 186 3.71 -7.29 -3.19
CA SER A 186 5.06 -7.49 -2.67
C SER A 186 5.77 -6.15 -2.55
N GLN A 187 6.61 -6.04 -1.52
CA GLN A 187 7.41 -4.84 -1.29
C GLN A 187 8.63 -5.24 -0.49
N GLY A 188 9.68 -4.42 -0.60
CA GLY A 188 10.88 -4.65 0.18
C GLY A 188 12.02 -3.77 -0.31
N HIS A 189 13.21 -4.12 0.16
CA HIS A 189 14.41 -3.38 -0.21
C HIS A 189 15.57 -4.34 -0.39
N PHE A 190 16.51 -3.94 -1.24
CA PHE A 190 17.85 -4.51 -1.22
C PHE A 190 18.66 -3.86 -0.11
N PHE A 191 19.58 -4.63 0.47
CA PHE A 191 20.43 -4.17 1.55
C PHE A 191 21.86 -4.58 1.29
N GLY A 192 22.79 -3.70 1.62
CA GLY A 192 24.21 -3.99 1.52
C GLY A 192 24.79 -3.57 0.19
N ALA A 193 26.11 -3.41 0.16
CA ALA A 193 26.78 -3.05 -1.07
C ALA A 193 26.54 -4.11 -2.15
N ASN A 194 26.28 -3.63 -3.37
CA ASN A 194 26.01 -4.47 -4.53
C ASN A 194 24.80 -5.36 -4.33
N ALA A 195 23.84 -4.87 -3.55
CA ALA A 195 22.61 -5.58 -3.27
C ALA A 195 22.90 -6.98 -2.76
N ALA A 196 23.76 -7.05 -1.71
CA ALA A 196 24.20 -8.33 -1.16
C ALA A 196 23.04 -9.17 -0.61
N GLY A 197 22.00 -8.52 -0.11
CA GLY A 197 20.83 -9.22 0.38
C GLY A 197 19.57 -8.44 0.06
N LEU A 198 18.44 -9.04 0.41
CA LEU A 198 17.16 -8.35 0.26
C LEU A 198 16.22 -8.88 1.33
N ALA A 199 15.21 -8.07 1.64
CA ALA A 199 14.13 -8.56 2.50
C ALA A 199 12.86 -7.82 2.12
N GLY A 200 11.72 -8.45 2.37
CA GLY A 200 10.47 -7.80 2.05
C GLY A 200 9.31 -8.56 2.64
N ILE A 201 8.11 -8.12 2.30
CA ILE A 201 6.90 -8.83 2.70
C ILE A 201 5.95 -8.99 1.52
N ALA A 202 5.22 -10.10 1.55
CA ALA A 202 4.15 -10.38 0.61
C ALA A 202 2.86 -10.38 1.41
N THR A 203 1.90 -9.55 1.00
CA THR A 203 0.65 -9.38 1.72
C THR A 203 -0.55 -9.59 0.81
N PHE A 204 -1.65 -10.08 1.40
CA PHE A 204 -2.85 -10.46 0.66
C PHE A 204 -4.05 -9.95 1.44
N THR A 205 -4.63 -8.83 0.99
CA THR A 205 -5.78 -8.26 1.69
C THR A 205 -6.93 -9.25 1.80
N ASN A 206 -7.11 -10.10 0.79
CA ASN A 206 -8.20 -11.07 0.79
C ASN A 206 -7.99 -12.23 1.75
N ASN A 207 -6.77 -12.41 2.27
CA ASN A 207 -6.53 -13.46 3.25
C ASN A 207 -5.19 -13.26 3.93
N SER A 208 -5.19 -12.52 5.06
CA SER A 208 -3.94 -12.20 5.72
C SER A 208 -3.28 -13.42 6.33
N ASP A 209 -3.97 -14.56 6.42
CA ASP A 209 -3.32 -15.79 6.83
C ASP A 209 -2.19 -16.18 5.87
N LEU A 210 -2.16 -15.61 4.67
CA LEU A 210 -1.15 -15.93 3.67
C LEU A 210 0.05 -15.01 3.74
N ASP A 211 -0.03 -13.91 4.48
CA ASP A 211 1.05 -12.92 4.48
C ASP A 211 2.34 -13.53 5.00
N THR A 212 3.46 -13.23 4.32
CA THR A 212 4.70 -13.97 4.46
C THR A 212 5.85 -12.96 4.42
N ALA A 213 6.78 -13.06 5.37
CA ALA A 213 8.02 -12.29 5.31
C ALA A 213 9.10 -13.13 4.66
N PHE A 214 10.02 -12.46 3.94
CA PHE A 214 11.01 -13.20 3.20
C PHE A 214 12.29 -12.36 3.07
N GLY A 215 13.38 -13.05 2.74
CA GLY A 215 14.66 -12.39 2.63
C GLY A 215 15.78 -13.40 2.43
N GLY A 216 16.93 -12.93 1.97
CA GLY A 216 18.05 -13.84 1.80
C GLY A 216 19.22 -13.12 1.16
N GLU A 217 20.20 -13.91 0.76
CA GLU A 217 21.50 -13.41 0.34
C GLU A 217 21.71 -13.74 -1.14
N LYS A 218 22.45 -12.86 -1.81
CA LYS A 218 22.81 -13.04 -3.20
C LYS A 218 23.58 -14.33 -3.37
N GLY B 1 1.82 0.10 -14.54
CA GLY B 1 0.72 -0.42 -13.73
C GLY B 1 -0.26 0.65 -13.32
N PHE B 2 -1.41 0.23 -12.79
CA PHE B 2 -2.45 1.14 -12.34
C PHE B 2 -2.80 0.86 -10.89
N ASP B 3 -2.94 1.93 -10.10
CA ASP B 3 -3.42 1.87 -8.73
C ASP B 3 -4.78 2.55 -8.65
N GLY B 4 -5.67 1.98 -7.86
CA GLY B 4 -7.02 2.52 -7.79
C GLY B 4 -7.84 1.77 -6.78
N ALA B 5 -8.98 2.35 -6.43
CA ALA B 5 -9.93 1.71 -5.53
C ALA B 5 -11.30 2.33 -5.76
N ILE B 6 -12.33 1.59 -5.35
CA ILE B 6 -13.70 2.04 -5.50
C ILE B 6 -14.48 1.61 -4.26
N SER B 7 -15.36 2.50 -3.76
CA SER B 7 -16.04 2.22 -2.50
C SER B 7 -17.04 1.09 -2.63
N ASP B 8 -17.68 0.96 -3.79
CA ASP B 8 -18.70 -0.04 -4.03
C ASP B 8 -18.55 -0.53 -5.47
N ASP B 9 -18.22 -1.81 -5.64
CA ASP B 9 -17.91 -2.33 -6.97
C ASP B 9 -19.02 -3.22 -7.53
N SER B 10 -20.24 -3.13 -7.00
CA SER B 10 -21.32 -3.99 -7.51
C SER B 10 -21.76 -3.59 -8.91
N LEU B 11 -21.64 -2.31 -9.27
CA LEU B 11 -22.09 -1.83 -10.58
C LEU B 11 -20.99 -1.28 -11.45
N ARG B 12 -19.98 -0.64 -10.86
CA ARG B 12 -18.85 -0.09 -11.59
C ARG B 12 -17.57 -0.61 -10.97
N GLN B 13 -16.49 -0.60 -11.75
CA GLN B 13 -15.19 -1.00 -11.25
C GLN B 13 -14.13 -0.30 -12.08
N VAL B 14 -12.92 -0.18 -11.50
CA VAL B 14 -11.88 0.68 -12.05
C VAL B 14 -10.62 -0.13 -12.31
N GLY B 15 -9.79 0.40 -13.20
CA GLY B 15 -8.53 -0.25 -13.57
C GLY B 15 -8.14 0.16 -14.98
N GLU B 16 -7.20 -0.59 -15.56
CA GLU B 16 -6.74 -0.29 -16.91
C GLU B 16 -7.87 -0.43 -17.92
N SER B 17 -7.93 0.52 -18.87
CA SER B 17 -9.00 0.51 -19.85
C SER B 17 -8.78 -0.59 -20.88
N GLU B 18 -9.90 -1.11 -21.40
CA GLU B 18 -9.94 -2.35 -22.15
C GLU B 18 -10.65 -2.25 -23.49
N VAL B 19 -11.29 -1.12 -23.79
CA VAL B 19 -12.11 -0.96 -24.98
C VAL B 19 -11.34 -0.10 -25.97
N TRP B 20 -11.24 -0.57 -27.22
CA TRP B 20 -10.76 0.25 -28.32
C TRP B 20 -11.89 0.56 -29.28
N VAL B 21 -12.25 1.84 -29.38
CA VAL B 21 -13.15 2.32 -30.42
C VAL B 21 -12.47 3.56 -31.00
N PRO B 22 -12.09 3.56 -32.27
CA PRO B 22 -11.33 4.68 -32.83
C PRO B 22 -11.94 6.02 -32.46
N PHE B 23 -11.10 6.87 -31.87
CA PHE B 23 -11.34 8.28 -31.56
C PHE B 23 -12.13 8.48 -30.26
N ILE B 24 -12.52 7.44 -29.53
CA ILE B 24 -13.30 7.67 -28.31
C ILE B 24 -12.77 6.85 -27.14
N HIS B 25 -12.66 5.55 -27.33
CA HIS B 25 -12.19 4.64 -26.29
C HIS B 25 -10.82 4.11 -26.68
N SER B 26 -9.87 4.17 -25.74
CA SER B 26 -8.50 3.75 -26.00
C SER B 26 -8.07 2.79 -24.91
N LYS B 27 -7.42 1.68 -25.31
CA LYS B 27 -6.91 0.72 -24.35
C LYS B 27 -5.70 1.27 -23.61
N GLY B 28 -5.51 0.77 -22.39
CA GLY B 28 -4.26 0.98 -21.66
C GLY B 28 -4.14 2.29 -20.92
N ASN B 29 -5.26 2.94 -20.59
CA ASN B 29 -5.30 4.18 -19.83
C ASN B 29 -6.12 3.96 -18.56
N ALA B 30 -6.05 4.92 -17.64
CA ALA B 30 -6.83 4.82 -16.41
C ALA B 30 -8.32 4.75 -16.76
N GLY B 31 -9.04 3.76 -16.23
CA GLY B 31 -10.37 3.48 -16.75
C GLY B 31 -11.38 3.02 -15.72
N ILE B 32 -12.62 2.96 -16.22
CA ILE B 32 -13.77 2.55 -15.42
C ILE B 32 -14.75 1.85 -16.34
N GLY B 33 -15.59 0.99 -15.78
CA GLY B 33 -16.55 0.29 -16.61
C GLY B 33 -17.53 -0.48 -15.76
N LYS B 34 -18.54 -1.00 -16.44
CA LYS B 34 -19.56 -1.84 -15.81
C LYS B 34 -18.92 -3.05 -15.15
N THR B 35 -19.40 -3.37 -13.95
CA THR B 35 -19.08 -4.67 -13.38
C THR B 35 -19.64 -5.76 -14.28
N GLY B 36 -18.78 -6.72 -14.64
CA GLY B 36 -19.12 -7.72 -15.63
C GLY B 36 -18.86 -7.31 -17.07
N GLY B 37 -18.45 -6.06 -17.31
CA GLY B 37 -18.19 -5.56 -18.64
C GLY B 37 -16.75 -5.15 -18.82
N LYS B 38 -16.49 -4.27 -19.79
CA LYS B 38 -15.14 -3.82 -20.11
C LYS B 38 -14.99 -2.34 -19.74
N ARG B 39 -13.78 -1.96 -19.29
CA ARG B 39 -13.50 -0.61 -18.84
C ARG B 39 -13.10 0.32 -20.00
N VAL B 40 -13.51 1.58 -19.90
CA VAL B 40 -13.13 2.62 -20.86
C VAL B 40 -12.29 3.65 -20.12
N ASP B 41 -11.62 4.51 -20.87
CA ASP B 41 -10.64 5.43 -20.27
C ASP B 41 -11.23 6.80 -20.01
N PHE B 42 -10.88 7.39 -18.86
CA PHE B 42 -11.31 8.74 -18.54
C PHE B 42 -10.79 9.75 -19.56
N GLU B 43 -9.59 9.51 -20.10
CA GLU B 43 -9.01 10.44 -21.07
C GLU B 43 -9.95 10.71 -22.23
N GLY B 44 -10.62 9.65 -22.71
CA GLY B 44 -11.53 9.81 -23.82
C GLY B 44 -12.85 10.44 -23.44
N LEU B 45 -13.28 10.25 -22.19
CA LEU B 45 -14.51 10.90 -21.75
C LEU B 45 -14.29 12.40 -21.51
N ALA B 46 -13.12 12.77 -20.98
CA ALA B 46 -12.85 14.16 -20.66
C ALA B 46 -12.80 15.00 -21.94
N GLY B 47 -13.61 16.06 -21.97
CA GLY B 47 -13.67 16.93 -23.13
C GLY B 47 -14.52 16.43 -24.27
N GLY B 48 -15.03 15.20 -24.20
CA GLY B 48 -15.89 14.67 -25.23
C GLY B 48 -17.26 15.35 -25.25
N ILE B 49 -18.08 14.92 -26.21
CA ILE B 49 -19.35 15.60 -26.47
C ILE B 49 -20.35 15.39 -25.34
N PHE B 50 -20.22 14.34 -24.54
CA PHE B 50 -21.09 14.13 -23.39
C PHE B 50 -20.60 14.81 -22.12
N ASP B 51 -19.44 15.50 -22.18
CA ASP B 51 -18.82 16.06 -20.99
C ASP B 51 -19.35 17.46 -20.69
N ASP B 52 -19.83 17.64 -19.47
CA ASP B 52 -20.27 18.92 -18.94
C ASP B 52 -19.18 19.39 -17.97
N GLU B 53 -18.40 20.41 -18.37
CA GLU B 53 -17.22 20.83 -17.63
C GLU B 53 -17.56 22.03 -16.74
N ARG B 54 -17.43 21.84 -15.43
CA ARG B 54 -17.94 22.81 -14.46
C ARG B 54 -16.94 22.97 -13.34
N ASN B 55 -16.37 24.17 -13.20
CA ASN B 55 -15.50 24.53 -12.07
C ASN B 55 -14.37 23.50 -11.88
N GLY B 56 -13.76 23.08 -12.99
CA GLY B 56 -12.65 22.15 -12.95
C GLY B 56 -13.04 20.70 -12.81
N VAL B 57 -14.32 20.37 -12.83
CA VAL B 57 -14.81 18.99 -12.72
C VAL B 57 -15.41 18.58 -14.05
N HIS B 58 -15.30 17.30 -14.37
CA HIS B 58 -15.94 16.70 -15.54
C HIS B 58 -17.17 15.93 -15.09
N THR B 59 -18.30 16.14 -15.76
CA THR B 59 -19.49 15.31 -15.57
C THR B 59 -19.92 14.78 -16.92
N SER B 60 -19.86 13.47 -17.11
CA SER B 60 -20.13 12.84 -18.39
C SER B 60 -21.22 11.79 -18.24
N GLY B 61 -22.19 11.83 -19.15
CA GLY B 61 -23.07 10.69 -19.33
C GLY B 61 -22.39 9.58 -20.13
N SER B 62 -23.15 8.52 -20.36
CA SER B 62 -22.77 7.43 -21.25
C SER B 62 -23.56 7.56 -22.55
N LYS B 63 -22.91 7.28 -23.67
CA LYS B 63 -23.66 7.19 -24.93
C LYS B 63 -24.65 6.04 -24.90
N HIS B 64 -24.36 5.01 -24.11
CA HIS B 64 -25.10 3.75 -24.22
C HIS B 64 -26.33 3.69 -23.34
N PHE B 65 -26.29 4.27 -22.15
CA PHE B 65 -27.40 4.19 -21.22
C PHE B 65 -27.67 5.57 -20.64
N GLN B 66 -28.92 5.98 -20.64
CA GLN B 66 -29.29 7.29 -20.09
C GLN B 66 -29.33 7.25 -18.56
N ASP B 67 -29.44 8.42 -17.95
CA ASP B 67 -29.73 8.58 -16.52
C ASP B 67 -28.69 7.90 -15.63
N ASN B 68 -27.41 8.15 -15.93
CA ASN B 68 -26.33 7.78 -15.02
C ASN B 68 -25.13 8.61 -15.43
N PHE B 69 -24.31 8.99 -14.45
CA PHE B 69 -23.28 9.99 -14.73
C PHE B 69 -22.04 9.72 -13.90
N TYR B 70 -20.91 10.11 -14.49
CA TYR B 70 -19.62 10.14 -13.83
C TYR B 70 -19.23 11.60 -13.61
N SER B 71 -18.86 11.94 -12.39
CA SER B 71 -18.24 13.22 -12.07
C SER B 71 -16.82 12.96 -11.60
N PHE B 72 -15.84 13.49 -12.32
CA PHE B 72 -14.46 13.13 -12.09
C PHE B 72 -13.52 14.29 -12.34
N VAL B 73 -12.34 14.20 -11.72
CA VAL B 73 -11.34 15.27 -11.71
C VAL B 73 -10.01 14.64 -12.07
N GLN B 74 -9.22 15.35 -12.89
CA GLN B 74 -7.89 14.91 -13.27
C GLN B 74 -6.86 15.49 -12.30
N VAL B 75 -5.87 14.69 -11.95
CA VAL B 75 -4.75 15.17 -11.13
C VAL B 75 -3.69 15.77 -12.06
N ALA B 76 -3.43 17.07 -11.91
CA ALA B 76 -2.49 17.74 -12.81
C ALA B 76 -2.81 17.40 -14.25
N ASN B 77 -1.79 17.09 -15.05
CA ASN B 77 -1.98 16.54 -16.39
C ASN B 77 -1.60 15.07 -16.44
N GLN B 78 -1.64 14.39 -15.30
CA GLN B 78 -1.35 12.97 -15.23
C GLN B 78 -2.57 12.18 -15.67
N ASP B 79 -2.36 10.91 -16.04
CA ASP B 79 -3.47 9.99 -16.28
C ASP B 79 -3.92 9.43 -14.94
N VAL B 80 -4.45 10.33 -14.12
CA VAL B 80 -4.82 10.06 -12.74
C VAL B 80 -6.12 10.79 -12.47
N TRP B 81 -7.11 10.08 -11.96
CA TRP B 81 -8.47 10.57 -11.88
C TRP B 81 -9.12 10.12 -10.58
N PHE B 82 -10.02 10.96 -10.04
CA PHE B 82 -10.87 10.58 -8.92
C PHE B 82 -12.28 11.13 -9.17
N GLY B 83 -13.27 10.47 -8.58
CA GLY B 83 -14.63 10.94 -8.79
C GLY B 83 -15.65 9.96 -8.27
N GLU B 84 -16.88 10.10 -8.77
CA GLU B 84 -18.00 9.27 -8.37
C GLU B 84 -18.78 8.86 -9.61
N TRP B 85 -19.68 7.89 -9.42
CA TRP B 85 -20.68 7.50 -10.41
C TRP B 85 -21.99 7.26 -9.67
N TYR B 86 -23.09 7.60 -10.33
CA TYR B 86 -24.41 7.36 -9.75
C TYR B 86 -25.41 7.16 -10.87
N GLU B 87 -26.55 6.58 -10.49
CA GLU B 87 -27.72 6.43 -11.34
C GLU B 87 -28.79 7.43 -10.92
N GLY B 88 -29.52 7.94 -11.89
CA GLY B 88 -30.64 8.81 -11.63
C GLY B 88 -30.55 9.99 -12.53
N LYS B 89 -31.34 11.01 -12.25
CA LYS B 89 -31.24 12.16 -13.12
C LYS B 89 -30.17 13.12 -12.64
N LYS B 90 -29.60 13.83 -13.59
CA LYS B 90 -28.35 14.54 -13.39
C LYS B 90 -28.47 15.56 -12.28
N ASP B 91 -27.49 15.55 -11.37
CA ASP B 91 -27.33 16.52 -10.31
C ASP B 91 -28.43 16.45 -9.24
N SER B 92 -29.23 15.38 -9.17
CA SER B 92 -30.35 15.43 -8.24
C SER B 92 -30.64 14.17 -7.41
N GLU B 93 -30.49 12.96 -7.97
CA GLU B 93 -30.89 11.73 -7.26
C GLU B 93 -29.73 11.00 -6.58
N PHE B 94 -28.73 10.58 -7.34
CA PHE B 94 -27.52 9.96 -6.79
C PHE B 94 -27.80 8.59 -6.18
N ASN B 95 -28.45 7.72 -6.96
CA ASN B 95 -28.72 6.36 -6.51
C ASN B 95 -27.52 5.46 -6.83
N ASN B 96 -27.28 4.48 -5.96
CA ASN B 96 -26.18 3.55 -6.13
C ASN B 96 -24.86 4.29 -6.36
N ARG B 97 -24.68 5.41 -5.66
CA ARG B 97 -23.48 6.22 -5.82
C ARG B 97 -22.27 5.47 -5.31
N THR B 98 -21.13 5.71 -5.96
CA THR B 98 -19.88 5.05 -5.63
C THR B 98 -18.76 6.04 -5.91
N VAL B 99 -17.68 5.99 -5.14
CA VAL B 99 -16.54 6.89 -5.31
C VAL B 99 -15.29 6.06 -5.58
N TYR B 100 -14.38 6.66 -6.35
CA TYR B 100 -13.25 5.90 -6.88
C TYR B 100 -12.09 6.86 -7.16
N TYR B 101 -10.89 6.29 -7.20
CA TYR B 101 -9.76 6.94 -7.87
C TYR B 101 -9.04 5.86 -8.68
N VAL B 102 -8.31 6.28 -9.71
CA VAL B 102 -7.50 5.33 -10.48
C VAL B 102 -6.50 6.13 -11.31
N GLY B 103 -5.30 5.56 -11.49
CA GLY B 103 -4.25 6.29 -12.16
C GLY B 103 -3.11 5.40 -12.61
N ASN B 104 -2.44 5.84 -13.66
CA ASN B 104 -1.23 5.16 -14.13
C ASN B 104 -0.09 5.56 -13.21
N ASP B 105 0.61 4.57 -12.65
CA ASP B 105 1.64 4.82 -11.67
C ASP B 105 3.04 4.82 -12.28
N ALA B 106 3.15 4.81 -13.60
CA ALA B 106 4.46 4.81 -14.25
C ALA B 106 5.28 6.00 -13.77
N GLY B 107 6.46 5.72 -13.24
CA GLY B 107 7.39 6.75 -12.85
C GLY B 107 7.21 7.32 -11.46
N THR B 108 6.28 6.79 -10.68
CA THR B 108 6.04 7.34 -9.36
C THR B 108 7.23 7.06 -8.44
N THR B 109 7.63 8.09 -7.70
CA THR B 109 8.57 7.97 -6.59
C THR B 109 8.06 8.86 -5.47
N VAL B 110 8.38 8.50 -4.23
CA VAL B 110 7.90 9.20 -3.06
C VAL B 110 9.11 9.61 -2.22
N PRO B 111 9.22 10.88 -1.84
CA PRO B 111 10.34 11.30 -0.98
C PRO B 111 10.35 10.56 0.35
N THR B 112 11.56 10.33 0.86
CA THR B 112 11.73 9.72 2.16
C THR B 112 11.99 10.73 3.26
N SER B 113 12.04 12.01 2.94
CA SER B 113 12.24 13.06 3.93
C SER B 113 11.70 14.37 3.39
N GLY B 114 11.52 15.32 4.29
CA GLY B 114 10.95 16.61 3.95
C GLY B 114 9.44 16.64 3.98
N LYS B 115 8.89 17.85 3.84
CA LYS B 115 7.46 18.10 3.90
C LYS B 115 6.96 18.71 2.59
N ALA B 116 5.71 18.40 2.26
CA ALA B 116 5.04 19.04 1.14
C ALA B 116 3.62 19.38 1.58
N THR B 117 2.97 20.24 0.80
CA THR B 117 1.52 20.41 0.89
C THR B 117 0.91 20.24 -0.50
N TYR B 118 -0.36 19.89 -0.51
CA TYR B 118 -1.12 19.58 -1.72
C TYR B 118 -2.40 20.39 -1.76
N ASN B 119 -2.72 20.92 -2.95
CA ASN B 119 -4.04 21.48 -3.20
C ASN B 119 -4.99 20.35 -3.56
N ILE B 120 -6.01 20.12 -2.71
CA ILE B 120 -6.88 18.97 -2.83
C ILE B 120 -8.29 19.40 -3.18
N THR B 121 -8.92 18.64 -4.08
CA THR B 121 -10.33 18.79 -4.40
C THR B 121 -11.03 17.48 -4.09
N GLY B 122 -12.32 17.56 -3.79
CA GLY B 122 -13.08 16.39 -3.42
C GLY B 122 -14.45 16.41 -4.06
N ILE B 123 -14.99 15.20 -4.27
CA ILE B 123 -16.26 14.99 -4.95
C ILE B 123 -17.20 14.21 -4.04
N ASN B 124 -18.39 14.75 -3.83
CA ASN B 124 -19.42 14.06 -3.02
C ASN B 124 -20.77 14.63 -3.46
N LYS B 125 -21.53 13.82 -4.19
CA LYS B 125 -22.81 14.22 -4.77
C LYS B 125 -22.67 15.55 -5.50
N PHE B 126 -21.69 15.62 -6.40
CA PHE B 126 -21.36 16.85 -7.08
C PHE B 126 -22.51 17.27 -8.01
N SER B 127 -22.86 18.55 -7.96
CA SER B 127 -23.97 19.05 -8.74
C SER B 127 -23.62 20.32 -9.51
N GLY B 128 -22.33 20.62 -9.65
CA GLY B 128 -21.89 21.78 -10.41
C GLY B 128 -21.01 22.73 -9.63
N ALA B 129 -21.50 23.19 -8.47
CA ALA B 129 -20.83 24.25 -7.73
C ALA B 129 -20.50 23.85 -6.30
N ASN B 130 -20.47 22.55 -5.98
CA ASN B 130 -20.26 22.09 -4.60
C ASN B 130 -19.06 21.16 -4.47
N LYS B 131 -18.02 21.32 -5.30
CA LYS B 131 -16.84 20.51 -5.05
C LYS B 131 -16.25 20.89 -3.70
N LEU B 132 -15.55 19.94 -3.09
CA LEU B 132 -14.84 20.20 -1.85
C LEU B 132 -13.43 20.67 -2.18
N SER B 133 -12.84 21.42 -1.26
CA SER B 133 -11.48 21.88 -1.48
C SER B 133 -10.82 22.18 -0.15
N GLY B 134 -9.49 22.11 -0.17
CA GLY B 134 -8.70 22.30 1.03
C GLY B 134 -7.28 21.90 0.72
N THR B 135 -6.53 21.62 1.78
CA THR B 135 -5.12 21.26 1.59
C THR B 135 -4.77 20.07 2.47
N PHE B 136 -3.84 19.25 1.98
CA PHE B 136 -3.25 18.15 2.72
C PHE B 136 -1.78 18.45 2.98
N ASN B 137 -1.28 17.94 4.11
CA ASN B 137 0.10 18.13 4.52
C ASN B 137 0.77 16.76 4.55
N ALA B 138 1.84 16.61 3.77
CA ALA B 138 2.65 15.40 3.78
C ALA B 138 3.96 15.67 4.50
N ASP B 139 4.32 14.79 5.43
CA ASP B 139 5.61 14.79 6.09
C ASP B 139 6.23 13.45 5.72
N PHE B 140 7.12 13.47 4.73
CA PHE B 140 7.63 12.22 4.18
C PHE B 140 8.64 11.57 5.10
N GLY B 141 9.25 12.34 6.00
CA GLY B 141 10.12 11.73 7.01
C GLY B 141 9.32 11.03 8.10
N ALA B 142 8.28 11.69 8.61
CA ALA B 142 7.38 11.08 9.58
C ALA B 142 6.41 10.10 8.95
N LYS B 143 6.29 10.12 7.62
CA LYS B 143 5.43 9.20 6.87
C LYS B 143 3.97 9.40 7.22
N THR B 144 3.55 10.67 7.27
CA THR B 144 2.18 11.03 7.60
C THR B 144 1.57 11.91 6.51
N LEU B 145 0.27 11.73 6.29
CA LEU B 145 -0.50 12.59 5.41
C LEU B 145 -1.81 12.91 6.11
N ASP B 146 -2.11 14.19 6.23
CA ASP B 146 -3.31 14.64 6.92
C ASP B 146 -3.77 15.95 6.31
N GLY B 147 -5.00 16.30 6.58
CA GLY B 147 -5.57 17.53 6.07
C GLY B 147 -7.07 17.39 5.98
N SER B 148 -7.70 18.46 5.52
CA SER B 148 -9.16 18.46 5.37
C SER B 148 -9.58 19.26 4.15
N ILE B 149 -10.73 18.89 3.62
CA ILE B 149 -11.38 19.59 2.52
C ILE B 149 -12.84 19.76 2.90
N ASN B 150 -13.50 20.75 2.28
CA ASN B 150 -14.88 21.03 2.64
C ASN B 150 -15.60 21.74 1.50
N ASN B 151 -16.93 21.60 1.49
CA ASN B 151 -17.79 22.49 0.73
C ASN B 151 -18.71 23.20 1.71
N SER B 152 -19.88 23.68 1.27
CA SER B 152 -20.68 24.49 2.19
C SER B 152 -21.30 23.66 3.29
N ASN B 153 -21.39 22.34 3.14
CA ASN B 153 -22.13 21.52 4.08
C ASN B 153 -21.36 20.31 4.62
N LEU B 154 -20.25 19.93 4.01
CA LEU B 154 -19.55 18.72 4.42
C LEU B 154 -18.06 19.00 4.56
N THR B 155 -17.47 18.46 5.60
CA THR B 155 -16.03 18.50 5.81
C THR B 155 -15.50 17.07 5.88
N VAL B 156 -14.43 16.80 5.13
CA VAL B 156 -13.76 15.51 5.20
C VAL B 156 -12.30 15.75 5.58
N SER B 157 -11.85 15.08 6.64
CA SER B 157 -10.46 15.15 7.06
C SER B 157 -9.86 13.76 6.94
N VAL B 158 -8.54 13.70 6.72
CA VAL B 158 -7.86 12.42 6.63
C VAL B 158 -6.65 12.44 7.55
N ASP B 159 -6.32 11.25 8.06
CA ASP B 159 -5.13 11.05 8.89
C ASP B 159 -4.58 9.69 8.49
N ALA B 160 -3.52 9.69 7.68
CA ALA B 160 -3.04 8.49 7.01
C ALA B 160 -1.52 8.39 7.16
N THR B 161 -1.02 7.17 7.02
CA THR B 161 0.41 6.93 7.05
C THR B 161 0.90 6.56 5.64
N ILE B 162 2.13 6.95 5.34
CA ILE B 162 2.69 6.88 3.99
C ILE B 162 3.64 5.69 3.88
N ASN B 163 3.55 4.98 2.75
CA ASN B 163 4.48 3.91 2.40
C ASN B 163 5.19 4.34 1.12
N ALA B 164 6.44 4.78 1.24
CA ALA B 164 7.14 5.32 0.08
C ALA B 164 7.49 4.25 -0.95
N ALA B 165 7.54 2.97 -0.55
CA ALA B 165 7.90 1.93 -1.51
C ALA B 165 6.74 1.59 -2.43
N THR B 166 5.54 1.46 -1.86
CA THR B 166 4.34 1.16 -2.63
C THR B 166 3.62 2.42 -3.10
N ALA B 167 3.98 3.58 -2.55
CA ALA B 167 3.36 4.88 -2.84
C ALA B 167 1.95 4.98 -2.28
N ALA B 168 1.52 3.99 -1.51
CA ALA B 168 0.20 4.00 -0.88
C ALA B 168 0.18 4.90 0.37
N PHE B 169 -1.00 5.44 0.66
CA PHE B 169 -1.26 5.96 1.99
C PHE B 169 -2.56 5.34 2.48
N ASN B 170 -2.61 5.04 3.78
CA ASN B 170 -3.79 4.41 4.37
C ASN B 170 -3.96 4.88 5.80
N GLY B 171 -5.22 5.12 6.20
CA GLY B 171 -5.50 5.50 7.56
C GLY B 171 -6.98 5.72 7.81
N THR B 172 -7.28 6.70 8.64
CA THR B 172 -8.64 7.01 9.04
C THR B 172 -9.14 8.23 8.29
N ALA B 173 -10.45 8.45 8.35
CA ALA B 173 -11.03 9.69 7.87
C ALA B 173 -12.15 10.09 8.81
N GLN B 174 -12.50 11.37 8.77
CA GLN B 174 -13.63 11.91 9.51
C GLN B 174 -14.48 12.75 8.56
N ALA B 175 -15.80 12.66 8.70
CA ALA B 175 -16.71 13.51 7.94
C ALA B 175 -17.61 14.24 8.92
N VAL B 176 -17.79 15.54 8.69
CA VAL B 176 -18.65 16.37 9.51
C VAL B 176 -19.71 17.00 8.62
N GLN B 177 -20.96 16.87 9.04
CA GLN B 177 -22.10 17.34 8.26
C GLN B 177 -23.29 17.46 9.22
N ASN B 178 -23.85 18.65 9.36
CA ASN B 178 -24.97 18.87 10.27
C ASN B 178 -24.55 18.69 11.74
N GLY B 179 -23.37 19.21 12.07
CA GLY B 179 -22.83 19.04 13.41
C GLY B 179 -22.54 17.59 13.77
N THR B 180 -22.83 16.69 12.84
CA THR B 180 -22.67 15.25 13.06
C THR B 180 -21.31 14.80 12.54
N THR B 181 -20.57 14.08 13.38
CA THR B 181 -19.23 13.61 13.06
C THR B 181 -19.26 12.09 12.92
N THR B 182 -18.69 11.58 11.83
CA THR B 182 -18.65 10.16 11.54
C THR B 182 -17.22 9.73 11.24
N ASN B 183 -16.81 8.61 11.80
CA ASN B 183 -15.47 8.09 11.60
C ASN B 183 -15.45 7.07 10.46
N GLY B 184 -14.34 7.04 9.74
CA GLY B 184 -14.21 6.15 8.61
C GLY B 184 -12.76 5.85 8.26
N ALA B 185 -12.54 5.47 7.00
CA ALA B 185 -11.24 5.03 6.50
C ALA B 185 -10.82 5.86 5.29
N SER B 186 -9.51 6.05 5.16
CA SER B 186 -8.93 6.71 3.99
C SER B 186 -7.94 5.77 3.32
N GLN B 187 -7.90 5.81 1.99
CA GLN B 187 -6.91 5.04 1.25
C GLN B 187 -6.66 5.75 -0.07
N GLY B 188 -5.43 5.62 -0.55
CA GLY B 188 -5.06 6.26 -1.79
C GLY B 188 -3.62 5.96 -2.13
N HIS B 189 -3.14 6.60 -3.20
CA HIS B 189 -1.76 6.47 -3.64
C HIS B 189 -1.23 7.84 -4.04
N PHE B 190 0.08 8.02 -3.93
CA PHE B 190 0.71 9.13 -4.62
C PHE B 190 0.97 8.70 -6.05
N PHE B 191 1.00 9.69 -6.94
CA PHE B 191 1.22 9.45 -8.36
C PHE B 191 2.23 10.45 -8.89
N GLY B 192 3.09 10.02 -9.79
CA GLY B 192 4.04 10.88 -10.44
C GLY B 192 5.37 10.95 -9.70
N ALA B 193 6.40 11.37 -10.42
CA ALA B 193 7.72 11.48 -9.84
C ALA B 193 7.70 12.44 -8.66
N ASN B 194 8.37 12.04 -7.58
CA ASN B 194 8.49 12.88 -6.38
C ASN B 194 7.12 13.24 -5.81
N ALA B 195 6.16 12.31 -5.92
CA ALA B 195 4.85 12.49 -5.32
C ALA B 195 4.16 13.75 -5.85
N ALA B 196 4.25 13.95 -7.17
CA ALA B 196 3.72 15.16 -7.79
C ALA B 196 2.23 15.37 -7.48
N GLY B 197 1.47 14.29 -7.35
CA GLY B 197 0.06 14.39 -7.02
C GLY B 197 -0.35 13.20 -6.18
N LEU B 198 -1.59 13.24 -5.71
CA LEU B 198 -2.14 12.10 -4.99
C LEU B 198 -3.64 11.99 -5.29
N ALA B 199 -4.19 10.81 -5.04
CA ALA B 199 -5.62 10.58 -5.19
C ALA B 199 -6.07 9.52 -4.20
N GLY B 200 -7.34 9.57 -3.81
CA GLY B 200 -7.77 8.55 -2.86
C GLY B 200 -9.26 8.62 -2.62
N ILE B 201 -9.74 7.73 -1.75
CA ILE B 201 -11.15 7.76 -1.35
C ILE B 201 -11.27 7.66 0.16
N ALA B 202 -12.34 8.27 0.68
CA ALA B 202 -12.71 8.23 2.09
C ALA B 202 -14.07 7.58 2.18
N THR B 203 -14.17 6.51 2.97
CA THR B 203 -15.35 5.67 3.05
C THR B 203 -15.78 5.56 4.51
N PHE B 204 -17.11 5.46 4.71
CA PHE B 204 -17.71 5.47 6.05
C PHE B 204 -18.80 4.41 6.08
N THR B 205 -18.52 3.27 6.71
CA THR B 205 -19.50 2.19 6.68
C THR B 205 -20.82 2.62 7.29
N ASN B 206 -20.77 3.46 8.33
CA ASN B 206 -21.99 3.88 9.02
C ASN B 206 -22.87 4.77 8.14
N ASN B 207 -22.28 5.49 7.18
CA ASN B 207 -23.07 6.40 6.35
C ASN B 207 -22.38 6.59 5.00
N SER B 208 -22.72 5.73 4.04
CA SER B 208 -22.06 5.81 2.73
C SER B 208 -22.41 7.07 1.98
N ASP B 209 -23.43 7.82 2.43
CA ASP B 209 -23.69 9.12 1.82
C ASP B 209 -22.54 10.10 2.01
N LEU B 210 -21.62 9.81 2.93
CA LEU B 210 -20.49 10.67 3.19
C LEU B 210 -19.25 10.29 2.38
N ASP B 211 -19.26 9.14 1.70
CA ASP B 211 -18.09 8.70 0.96
C ASP B 211 -17.69 9.70 -0.11
N THR B 212 -16.39 9.97 -0.21
CA THR B 212 -15.88 11.11 -0.97
C THR B 212 -14.58 10.71 -1.65
N ALA B 213 -14.44 11.04 -2.93
CA ALA B 213 -13.17 10.87 -3.64
C ALA B 213 -12.42 12.19 -3.66
N PHE B 214 -11.09 12.13 -3.67
CA PHE B 214 -10.30 13.35 -3.54
C PHE B 214 -8.93 13.18 -4.20
N GLY B 215 -8.28 14.29 -4.46
CA GLY B 215 -6.97 14.24 -5.09
C GLY B 215 -6.51 15.63 -5.42
N GLY B 216 -5.23 15.73 -5.76
CA GLY B 216 -4.68 17.04 -6.08
C GLY B 216 -3.19 16.95 -6.35
N GLU B 217 -2.59 18.14 -6.48
CA GLU B 217 -1.21 18.34 -6.94
C GLU B 217 -0.36 18.97 -5.83
N LYS B 218 0.93 18.66 -5.84
CA LYS B 218 1.80 19.13 -4.75
C LYS B 218 1.98 20.65 -4.77
FE HEB C . 12.77 -5.53 27.17
CHA HEB C . 10.68 -3.81 25.14
CHB HEB C . 13.23 -2.65 29.10
CHC HEB C . 14.80 -7.21 29.29
CHD HEB C . 12.45 -8.29 25.21
NA HEB C . 12.12 -3.62 27.15
C1A HEB C . 11.25 -3.12 26.19
C2A HEB C . 11.01 -1.72 26.47
C3A HEB C . 11.73 -1.39 27.56
C4A HEB C . 12.42 -2.57 28.01
CMA HEB C . 11.79 -0.01 28.24
CAA HEB C . 10.10 -0.79 25.63
CBA HEB C . 8.67 -0.95 26.15
CGA HEB C . 7.70 -0.02 25.47
O1A HEB C . 6.63 -0.52 25.01
O2A HEB C . 7.93 1.21 25.39
NB HEB C . 13.84 -5.00 28.86
C1B HEB C . 13.83 -3.80 29.54
C2B HEB C . 14.54 -3.97 30.79
C3B HEB C . 14.98 -5.24 30.83
C4B HEB C . 14.54 -5.90 29.63
CMB HEB C . 14.73 -2.84 31.83
CAB HEB C . 15.81 -5.96 31.94
CBB HEB C . 16.18 -5.35 33.07
NC HEB C . 13.45 -7.39 27.24
C1C HEB C . 14.33 -7.88 28.19
C2C HEB C . 14.69 -9.24 27.83
C3C HEB C . 14.04 -9.54 26.71
C4C HEB C . 13.25 -8.39 26.32
CMC HEB C . 15.65 -10.19 28.58
CAC HEB C . 14.19 -10.91 26.04
CBC HEB C . 13.40 -11.28 25.03
ND HEB C . 11.77 -5.97 25.48
C1D HEB C . 11.72 -7.19 24.86
C2D HEB C . 10.78 -7.10 23.77
C3D HEB C . 10.28 -5.87 23.74
C4D HEB C . 10.90 -5.13 24.82
CMD HEB C . 10.42 -8.26 22.82
CAD HEB C . 9.23 -5.32 22.74
CBD HEB C . 7.81 -5.33 23.33
CGD HEB C . 7.34 -6.71 23.69
O1D HEB C . 7.15 -6.95 24.90
O2D HEB C . 7.15 -7.57 22.79
HHA HEB C . 10.06 -3.32 24.57
HHB HEB C . 13.39 -1.82 29.60
HHC HEB C . 15.38 -7.71 29.91
HHD HEB C . 12.39 -9.08 24.63
HMA1 HEB C . 12.72 0.31 28.23
HMA2 HEB C . 11.48 -0.09 29.17
HMA3 HEB C . 11.22 0.62 27.76
HAA1 HEB C . 10.14 -1.05 24.70
HAA2 HEB C . 10.38 0.12 25.73
HBA1 HEB C . 8.38 -1.87 26.00
HBA2 HEB C . 8.66 -0.76 27.10
HMB1 HEB C . 14.11 -2.97 32.56
HMB2 HEB C . 14.58 -1.99 31.40
HMB3 HEB C . 15.64 -2.87 32.17
HAB HEB C . 16.06 -6.88 31.80
HBB1 HEB C . 16.70 -5.83 33.73
HBB2 HEB C . 15.93 -4.43 33.23
HMC1 HEB C . 16.07 -9.72 29.31
HMC2 HEB C . 16.32 -10.53 27.97
HMC3 HEB C . 15.13 -10.95 28.94
HAC HEB C . 14.86 -11.52 26.34
HBC1 HEB C . 12.71 -10.67 24.71
HBC2 HEB C . 13.50 -12.15 24.62
HMD1 HEB C . 10.28 -9.09 23.34
HMD2 HEB C . 11.14 -8.41 22.18
HMD3 HEB C . 9.60 -8.05 22.33
HAD1 HEB C . 9.46 -4.41 22.51
HAD2 HEB C . 9.23 -5.87 21.95
HBD1 HEB C . 7.80 -4.77 24.12
HBD2 HEB C . 7.21 -4.95 22.66
FE HEB D . -18.75 3.73 -25.20
CHA HEB D . -18.43 1.68 -22.58
CHB HEB D . -18.27 1.07 -27.39
CHC HEB D . -19.11 5.78 -27.92
CHD HEB D . -19.17 6.40 -23.11
NA HEB D . -18.41 1.79 -25.04
C1A HEB D . -18.30 1.14 -23.82
C2A HEB D . -18.04 -0.27 -24.09
C3A HEB D . -18.00 -0.44 -25.41
C4A HEB D . -18.22 0.84 -26.03
CMA HEB D . -17.73 -1.78 -26.13
CAA HEB D . -17.84 -1.39 -23.05
CBA HEB D . -19.22 -1.97 -22.74
CGA HEB D . -19.18 -3.15 -21.80
O1A HEB D . -18.51 -4.17 -22.12
O2A HEB D . -19.85 -3.10 -20.74
NB HEB D . -18.66 3.48 -27.28
C1B HEB D . -18.55 2.28 -27.96
C2B HEB D . -18.81 2.54 -29.36
C3B HEB D . -19.03 3.85 -29.50
C4B HEB D . -18.94 4.46 -28.20
CMB HEB D . -18.81 1.49 -30.47
CAB HEB D . -19.35 4.54 -30.85
CBB HEB D . -19.77 5.80 -30.92
NC HEB D . -19.10 5.70 -25.45
C1C HEB D . -19.15 6.36 -26.68
C2C HEB D . -19.28 7.77 -26.42
C3C HEB D . -19.32 7.96 -25.11
C4C HEB D . -19.20 6.65 -24.46
CMC HEB D . -19.37 8.90 -27.49
CAC HEB D . -19.42 9.33 -24.45
CBC HEB D . -19.85 9.44 -23.19
ND HEB D . -18.78 3.99 -23.23
C1D HEB D . -19.00 5.16 -22.54
C2D HEB D . -19.01 4.88 -21.12
C3D HEB D . -18.80 3.58 -20.97
C4D HEB D . -18.66 3.00 -22.29
CMD HEB D . -19.23 5.92 -20.01
CAD HEB D . -18.74 2.80 -19.63
CBD HEB D . -20.04 2.01 -19.41
CGD HEB D . -21.21 2.95 -19.27
O1D HEB D . -22.14 2.88 -20.11
O2D HEB D . -21.21 3.76 -18.31
HHA HEB D . -18.33 1.07 -21.81
HHB HEB D . -18.07 0.32 -27.98
HHC HEB D . -19.21 6.39 -28.68
HHD HEB D . -19.29 7.16 -22.52
HMA1 HEB D . -17.45 -1.60 -27.06
HMA2 HEB D . -18.56 -2.31 -26.15
HMA3 HEB D . -17.04 -2.27 -25.67
HAA1 HEB D . -17.45 -1.02 -22.24
HAA2 HEB D . -17.26 -2.07 -23.40
HBA1 HEB D . -19.62 -2.26 -23.57
HBA2 HEB D . -19.76 -1.28 -22.33
HMB1 HEB D . -19.62 0.96 -30.42
HMB2 HEB D . -18.05 0.91 -30.37
HMB3 HEB D . -18.77 1.92 -31.33
HAB HEB D . -19.24 4.03 -31.66
HBB1 HEB D . -19.95 6.21 -31.80
HBB2 HEB D . -19.89 6.33 -30.12
HMC1 HEB D . -19.88 9.65 -27.12
HMC2 HEB D . -18.49 9.20 -27.72
HMC3 HEB D . -19.84 8.58 -28.27
HAC HEB D . -19.19 10.12 -24.94
HBC1 HEB D . -20.09 8.66 -22.68
HBC2 HEB D . -19.91 10.32 -22.77
HMD1 HEB D . -18.44 6.50 -19.95
HMD2 HEB D . -19.36 5.46 -19.15
HMD3 HEB D . -20.02 6.45 -20.22
HAD1 HEB D . -17.99 2.17 -19.65
HAD2 HEB D . -18.61 3.42 -18.90
HBD1 HEB D . -20.19 1.44 -20.19
HBD2 HEB D . -19.96 1.48 -18.62
#